data_9ICS
#
_entry.id   9ICS
#
_cell.length_a   178.874
_cell.length_b   57.670
_cell.length_c   48.476
_cell.angle_alpha   90.00
_cell.angle_beta   90.00
_cell.angle_gamma   90.00
#
_symmetry.space_group_name_H-M   'P 21 21 2'
#
loop_
_entity.id
_entity.type
_entity.pdbx_description
1 polymer "DNA (5'-D(*CP*AP*TP*CP*TP*GP*T)-3')"
2 polymer "DNA (5'-D(*CP*AP*GP*AP*TP*G)-3')"
3 polymer 'PROTEIN (DNA POLYMERASE BETA (E.C.2.7.7.7))'
4 non-polymer 'MANGANESE (II) ION'
5 non-polymer 'SODIUM ION'
6 non-polymer "2',3'-DIDEOXYCYTIDINE 5'-TRIPHOSPHATE"
7 water water
#
loop_
_entity_poly.entity_id
_entity_poly.type
_entity_poly.pdbx_seq_one_letter_code
_entity_poly.pdbx_strand_id
1 'polydeoxyribonucleotide' (DC)(DA)(DT)(DC)(DT)(DG)(DT) T
2 'polydeoxyribonucleotide' (DC)(DA)(DG)(DA)(DT)(DG) P
3 'polypeptide(L)'
;MSKRKAPQETLNGGITDMLTELANFEKNVSQAIHKYNAYRKAASVIAKYPHKIKSGAEAKKLPGVGTKIAEKIDEFLATG
KLRKLEKIRQDDTSSSINFLTRVSGIGPSAARKFVDEGIKTLEDLRKNEDKLNHHQRIGLKYFGDFEKRIPREEMLQMQD
IVLNEVKKVDSEYIATVCGSFRRGAESSGDMDVLLTHPSFTSESTKQPKLLHQVVEQLQKVHFITDTLSKGETKFMGVCQ
LPSKNDEKEYPHRRIDIRLIPKDQYYCGVLYFTGSDIFNKNMRAHALEKGFTINEYTIRPLGVTGVAGEPLPVDSEKDIF
DYIQWKYREPKDRSE
;
A
#
loop_
_chem_comp.id
_chem_comp.type
_chem_comp.name
_chem_comp.formula
DA DNA linking 2'-DEOXYADENOSINE-5'-MONOPHOSPHATE 'C10 H14 N5 O6 P'
DC DNA linking 2'-DEOXYCYTIDINE-5'-MONOPHOSPHATE 'C9 H14 N3 O7 P'
DCT DNA linking '2',3'-DIDEOXYCYTIDINE 5'-TRIPHOSPHATE' 'C9 H16 N3 O12 P3'
DG DNA linking 2'-DEOXYGUANOSINE-5'-MONOPHOSPHATE 'C10 H14 N5 O7 P'
DT DNA linking THYMIDINE-5'-MONOPHOSPHATE 'C10 H15 N2 O8 P'
MN non-polymer 'MANGANESE (II) ION' 'Mn 2'
NA non-polymer 'SODIUM ION' 'Na 1'
#
# COMPACT_ATOMS: atom_id res chain seq x y z
N GLU C 9 -10.60 -7.01 19.83
CA GLU C 9 -11.15 -6.24 18.74
C GLU C 9 -11.87 -4.97 19.20
N THR C 10 -11.98 -4.82 20.51
CA THR C 10 -12.62 -3.70 21.19
C THR C 10 -12.50 -3.92 22.68
N LEU C 11 -12.01 -5.09 23.00
CA LEU C 11 -11.87 -5.36 24.39
C LEU C 11 -10.60 -4.74 24.86
N ASN C 12 -9.60 -4.82 24.02
CA ASN C 12 -8.35 -4.25 24.41
C ASN C 12 -7.90 -3.12 23.47
N GLY C 13 -8.91 -2.51 22.82
CA GLY C 13 -8.76 -1.42 21.84
C GLY C 13 -7.85 -0.27 22.26
N GLY C 14 -8.11 0.37 23.38
CA GLY C 14 -7.30 1.49 23.89
C GLY C 14 -5.85 1.11 23.96
N ILE C 15 -5.61 0.06 24.74
CA ILE C 15 -4.29 -0.48 24.93
C ILE C 15 -3.66 -0.71 23.62
N THR C 16 -4.36 -1.44 22.75
CA THR C 16 -3.72 -1.65 21.48
C THR C 16 -3.50 -0.36 20.78
N ASP C 17 -4.38 0.58 20.93
CA ASP C 17 -4.13 1.83 20.23
C ASP C 17 -2.96 2.69 20.73
N MET C 18 -2.95 2.93 22.04
CA MET C 18 -1.92 3.72 22.64
C MET C 18 -0.56 3.13 22.24
N LEU C 19 -0.48 1.80 22.38
CA LEU C 19 0.71 1.04 22.04
C LEU C 19 1.08 1.38 20.64
N THR C 20 0.05 1.46 19.76
CA THR C 20 0.30 1.82 18.37
C THR C 20 0.92 3.24 18.25
N GLU C 21 0.32 4.28 18.92
CA GLU C 21 0.86 5.66 18.92
C GLU C 21 2.29 5.68 19.37
N LEU C 22 2.48 4.95 20.47
CA LEU C 22 3.76 4.79 21.10
C LEU C 22 4.71 4.14 20.12
N ALA C 23 4.27 3.03 19.49
CA ALA C 23 5.15 2.39 18.53
C ALA C 23 5.53 3.34 17.45
N ASN C 24 4.50 3.89 16.81
CA ASN C 24 4.68 4.83 15.73
C ASN C 24 5.66 5.93 15.99
N PHE C 25 5.53 6.54 17.12
CA PHE C 25 6.43 7.60 17.40
C PHE C 25 7.89 7.13 17.44
N GLU C 26 8.15 5.96 18.05
CA GLU C 26 9.53 5.46 18.14
C GLU C 26 10.18 5.44 16.80
N LYS C 27 9.56 4.77 15.91
CA LYS C 27 10.09 4.70 14.61
C LYS C 27 10.30 6.07 13.89
N ASN C 28 9.23 6.89 13.81
CA ASN C 28 9.22 8.23 13.15
C ASN C 28 9.99 9.39 13.75
N VAL C 29 9.82 9.69 15.05
CA VAL C 29 10.53 10.80 15.66
C VAL C 29 11.84 10.32 16.07
N SER C 30 11.79 9.44 17.01
CA SER C 30 13.03 8.92 17.42
C SER C 30 13.43 7.95 16.33
N GLN C 31 14.39 7.17 16.59
CA GLN C 31 14.65 6.28 15.53
C GLN C 31 14.67 4.90 16.14
N ALA C 32 14.02 4.75 17.31
CA ALA C 32 13.97 3.45 18.02
C ALA C 32 13.18 2.28 17.43
N ILE C 33 13.81 1.70 16.43
CA ILE C 33 13.31 0.58 15.71
C ILE C 33 13.05 -0.61 16.65
N HIS C 34 14.01 -0.86 17.52
CA HIS C 34 13.87 -1.94 18.44
C HIS C 34 12.65 -1.68 19.28
N LYS C 35 12.63 -0.48 19.88
CA LYS C 35 11.52 -0.06 20.72
C LYS C 35 10.30 -0.04 19.92
N TYR C 36 10.48 0.48 18.76
CA TYR C 36 9.36 0.55 17.93
C TYR C 36 8.77 -0.82 17.65
N ASN C 37 9.66 -1.69 17.33
CA ASN C 37 9.30 -3.04 17.07
C ASN C 37 8.63 -3.59 18.35
N ALA C 38 9.18 -3.23 19.53
CA ALA C 38 8.64 -3.67 20.80
C ALA C 38 7.11 -3.42 20.87
N TYR C 39 6.67 -2.13 20.76
CA TYR C 39 5.26 -1.79 20.81
C TYR C 39 4.44 -2.62 19.89
N ARG C 40 4.96 -2.86 18.70
CA ARG C 40 4.18 -3.67 17.78
C ARG C 40 3.88 -5.11 18.11
N LYS C 41 4.84 -5.87 18.67
CA LYS C 41 4.45 -7.22 18.91
C LYS C 41 3.45 -7.13 20.01
N ALA C 42 3.78 -6.29 21.00
CA ALA C 42 2.88 -6.09 22.14
C ALA C 42 1.47 -5.87 21.68
N ALA C 43 1.27 -4.87 20.87
CA ALA C 43 -0.08 -4.64 20.43
C ALA C 43 -0.69 -5.81 19.70
N SER C 44 0.14 -6.54 19.00
CA SER C 44 -0.40 -7.66 18.30
C SER C 44 -0.85 -8.76 19.26
N VAL C 45 -0.09 -8.95 20.32
CA VAL C 45 -0.50 -9.98 21.23
C VAL C 45 -1.67 -9.57 22.08
N ILE C 46 -1.55 -8.39 22.71
CA ILE C 46 -2.63 -7.91 23.53
C ILE C 46 -3.92 -7.80 22.71
N ALA C 47 -3.77 -7.82 21.38
CA ALA C 47 -4.86 -7.70 20.38
C ALA C 47 -5.67 -8.96 20.17
N LYS C 48 -4.95 -10.06 20.13
CA LYS C 48 -5.49 -11.40 19.94
C LYS C 48 -6.12 -11.94 21.24
N TYR C 49 -5.59 -11.40 22.37
CA TYR C 49 -5.99 -11.74 23.71
C TYR C 49 -7.40 -11.39 24.01
N PRO C 50 -7.99 -12.54 24.29
CA PRO C 50 -9.34 -12.92 24.63
C PRO C 50 -10.01 -12.29 25.86
N HIS C 51 -9.28 -11.75 26.82
CA HIS C 51 -10.01 -11.22 27.92
C HIS C 51 -9.97 -9.73 28.03
N LYS C 52 -10.34 -9.24 29.17
CA LYS C 52 -10.33 -7.82 29.42
C LYS C 52 -9.12 -7.57 30.28
N ILE C 53 -8.03 -7.07 29.69
CA ILE C 53 -6.86 -6.83 30.52
C ILE C 53 -7.19 -5.89 31.66
N LYS C 54 -7.22 -6.44 32.85
CA LYS C 54 -7.56 -5.59 33.97
C LYS C 54 -6.43 -4.89 34.65
N SER C 55 -5.25 -5.26 34.24
CA SER C 55 -4.07 -4.64 34.81
C SER C 55 -2.83 -4.92 34.01
N GLY C 56 -1.83 -4.22 34.48
CA GLY C 56 -0.54 -4.31 33.91
C GLY C 56 -0.03 -5.71 34.11
N ALA C 57 0.12 -6.11 35.39
CA ALA C 57 0.63 -7.43 35.67
C ALA C 57 -0.07 -8.55 34.91
N GLU C 58 -1.33 -8.30 34.62
CA GLU C 58 -2.07 -9.27 33.91
C GLU C 58 -1.49 -9.36 32.55
N ALA C 59 -1.19 -8.21 31.97
CA ALA C 59 -0.65 -8.15 30.63
C ALA C 59 0.76 -8.71 30.50
N LYS C 60 1.57 -8.33 31.49
CA LYS C 60 2.99 -8.71 31.60
C LYS C 60 3.18 -10.15 31.28
N LYS C 61 2.13 -10.82 31.68
CA LYS C 61 1.95 -12.22 31.52
C LYS C 61 2.04 -12.58 30.05
N LEU C 62 1.91 -11.61 29.17
CA LEU C 62 2.01 -12.01 27.80
C LEU C 62 3.43 -11.94 27.28
N PRO C 63 3.67 -12.61 26.19
CA PRO C 63 4.99 -12.59 25.57
C PRO C 63 5.03 -11.26 24.85
N GLY C 64 6.15 -10.60 24.83
CA GLY C 64 6.17 -9.34 24.16
C GLY C 64 5.93 -8.27 25.21
N VAL C 65 5.29 -8.71 26.30
CA VAL C 65 5.04 -7.79 27.34
C VAL C 65 5.98 -7.83 28.46
N GLY C 66 6.73 -6.79 28.45
CA GLY C 66 7.74 -6.55 29.43
C GLY C 66 7.23 -5.64 30.52
N THR C 67 8.21 -5.20 31.27
CA THR C 67 8.00 -4.33 32.38
C THR C 67 7.59 -2.91 32.00
N LYS C 68 8.23 -2.36 30.97
CA LYS C 68 7.93 -1.01 30.52
C LYS C 68 6.54 -0.83 29.98
N ILE C 69 6.20 -1.74 29.15
CA ILE C 69 4.92 -1.69 28.58
C ILE C 69 3.87 -1.81 29.68
N ALA C 70 4.10 -2.78 30.54
CA ALA C 70 3.19 -3.01 31.63
C ALA C 70 2.97 -1.75 32.45
N GLU C 71 4.02 -1.06 32.68
CA GLU C 71 3.93 0.13 33.42
C GLU C 71 2.98 1.11 32.79
N LYS C 72 3.10 1.12 31.49
CA LYS C 72 2.30 2.01 30.74
C LYS C 72 0.87 1.63 30.76
N ILE C 73 0.63 0.35 30.57
CA ILE C 73 -0.73 -0.11 30.54
C ILE C 73 -1.40 0.26 31.83
N ASP C 74 -0.62 0.15 32.90
CA ASP C 74 -1.21 0.48 34.16
C ASP C 74 -1.72 1.90 34.19
N GLU C 75 -0.82 2.86 34.08
CA GLU C 75 -1.10 4.30 34.07
C GLU C 75 -2.19 4.62 33.13
N PHE C 76 -2.24 3.90 32.07
CA PHE C 76 -3.29 4.19 31.16
C PHE C 76 -4.60 3.71 31.73
N LEU C 77 -4.60 2.48 32.24
CA LEU C 77 -5.82 1.94 32.82
C LEU C 77 -6.21 2.78 34.01
N ALA C 78 -5.24 3.07 34.88
CA ALA C 78 -5.47 3.85 36.06
C ALA C 78 -6.25 5.16 35.82
N THR C 79 -5.79 5.94 34.78
CA THR C 79 -6.32 7.26 34.30
C THR C 79 -6.49 7.30 32.78
N GLY C 80 -7.53 7.91 32.26
CA GLY C 80 -7.74 7.95 30.80
C GLY C 80 -6.59 8.49 29.95
N LYS C 81 -5.41 8.44 30.47
CA LYS C 81 -4.36 8.97 29.68
C LYS C 81 -3.05 8.45 30.07
N LEU C 82 -2.07 8.88 29.28
CA LEU C 82 -0.65 8.56 29.39
C LEU C 82 0.20 9.88 29.27
N ARG C 83 1.15 10.10 30.22
CA ARG C 83 1.98 11.31 30.21
C ARG C 83 2.77 11.44 28.94
N LYS C 84 3.63 10.46 28.76
CA LYS C 84 4.50 10.38 27.61
C LYS C 84 3.71 10.57 26.36
N LEU C 85 2.50 10.03 26.33
CA LEU C 85 1.62 10.15 25.16
C LEU C 85 1.20 11.57 25.08
N GLU C 86 1.01 12.15 26.28
CA GLU C 86 0.59 13.55 26.38
C GLU C 86 1.67 14.53 25.98
N LYS C 87 2.89 14.23 26.39
CA LYS C 87 4.04 15.02 26.09
C LYS C 87 4.30 14.99 24.52
N ILE C 88 4.25 13.80 23.88
CA ILE C 88 4.46 13.63 22.42
C ILE C 88 3.43 14.40 21.53
N ARG C 89 2.15 14.44 21.96
CA ARG C 89 1.04 15.09 21.25
C ARG C 89 1.19 16.60 21.21
N GLN C 90 2.01 17.10 22.12
CA GLN C 90 2.22 18.53 22.18
C GLN C 90 3.33 18.91 21.28
N ASP C 91 4.55 18.48 21.71
CA ASP C 91 5.85 18.69 21.07
C ASP C 91 5.76 18.98 19.65
N ASP C 92 6.03 20.22 19.38
CA ASP C 92 5.96 20.58 18.02
C ASP C 92 6.90 19.77 17.14
N THR C 93 8.08 19.39 17.63
CA THR C 93 8.90 18.60 16.75
C THR C 93 8.26 17.28 16.28
N SER C 94 7.65 16.59 17.22
CA SER C 94 7.04 15.38 16.84
C SER C 94 5.96 15.63 15.84
N SER C 95 5.10 16.61 16.11
CA SER C 95 4.02 16.92 15.16
C SER C 95 4.55 17.21 13.78
N SER C 96 5.56 18.05 13.68
CA SER C 96 6.10 18.40 12.36
C SER C 96 6.53 17.23 11.53
N ILE C 97 7.17 16.27 12.21
CA ILE C 97 7.59 15.10 11.52
C ILE C 97 6.38 14.33 11.04
N ASN C 98 5.26 14.42 11.76
CA ASN C 98 4.11 13.67 11.27
C ASN C 98 3.44 14.24 10.07
N PHE C 99 3.62 15.52 9.98
CA PHE C 99 3.07 16.29 8.92
C PHE C 99 3.88 16.29 7.61
N LEU C 100 5.18 16.66 7.70
CA LEU C 100 6.05 16.69 6.54
C LEU C 100 5.92 15.36 5.79
N THR C 101 5.83 14.37 6.63
CA THR C 101 5.70 13.06 6.15
C THR C 101 4.52 12.81 5.22
N ARG C 102 3.51 13.68 5.20
CA ARG C 102 2.37 13.46 4.33
C ARG C 102 2.67 13.75 2.92
N VAL C 103 3.83 14.37 2.77
CA VAL C 103 4.19 14.68 1.43
C VAL C 103 4.79 13.48 0.78
N SER C 104 4.17 13.06 -0.29
CA SER C 104 4.65 11.90 -1.02
C SER C 104 6.03 12.25 -1.39
N GLY C 105 7.01 11.49 -0.93
CA GLY C 105 8.34 11.87 -1.30
C GLY C 105 9.18 12.07 -0.04
N ILE C 106 8.48 12.54 1.00
CA ILE C 106 9.13 12.75 2.26
C ILE C 106 8.75 11.65 3.19
N GLY C 107 9.73 11.03 3.77
CA GLY C 107 9.63 9.96 4.72
C GLY C 107 10.13 10.54 5.99
N PRO C 108 10.28 9.74 7.00
CA PRO C 108 10.74 10.16 8.33
C PRO C 108 12.11 10.75 8.32
N SER C 109 12.93 9.99 7.58
CA SER C 109 14.30 10.30 7.41
C SER C 109 14.46 11.73 7.06
N ALA C 110 13.84 12.04 5.95
CA ALA C 110 13.83 13.38 5.41
C ALA C 110 13.03 14.35 6.29
N ALA C 111 11.86 13.85 6.83
CA ALA C 111 11.01 14.65 7.66
C ALA C 111 11.97 15.14 8.71
N ARG C 112 12.85 14.26 9.21
CA ARG C 112 13.84 14.73 10.20
C ARG C 112 14.77 15.87 9.78
N LYS C 113 15.54 15.68 8.68
CA LYS C 113 16.46 16.70 8.17
C LYS C 113 15.78 18.06 8.13
N PHE C 114 14.81 18.21 7.25
CA PHE C 114 14.05 19.44 7.09
C PHE C 114 13.62 20.12 8.39
N VAL C 115 13.36 19.32 9.36
CA VAL C 115 12.94 19.95 10.54
C VAL C 115 14.05 20.58 11.27
N ASP C 116 15.11 19.87 11.15
CA ASP C 116 16.25 20.34 11.81
C ASP C 116 16.82 21.46 11.09
N GLU C 117 16.17 21.88 10.05
CA GLU C 117 16.72 22.97 9.34
C GLU C 117 15.74 24.05 9.53
N GLY C 118 14.56 23.68 10.03
CA GLY C 118 13.51 24.69 10.24
C GLY C 118 12.30 24.53 9.34
N ILE C 119 12.36 23.60 8.40
CA ILE C 119 11.22 23.42 7.55
C ILE C 119 10.31 22.55 8.33
N LYS C 120 9.15 23.07 8.64
CA LYS C 120 8.16 22.37 9.43
C LYS C 120 6.83 22.43 8.84
N THR C 121 6.67 23.39 7.98
CA THR C 121 5.39 23.50 7.39
C THR C 121 5.45 23.47 5.89
N LEU C 122 4.24 23.54 5.36
CA LEU C 122 4.02 23.53 3.95
C LEU C 122 4.63 24.73 3.34
N GLU C 123 4.48 25.86 4.02
CA GLU C 123 5.06 27.06 3.46
C GLU C 123 6.59 26.95 3.37
N ASP C 124 7.15 26.50 4.50
CA ASP C 124 8.55 26.28 4.68
C ASP C 124 8.99 25.52 3.48
N LEU C 125 8.23 24.48 3.21
CA LEU C 125 8.49 23.66 2.07
C LEU C 125 8.56 24.47 0.80
N ARG C 126 7.48 25.22 0.49
CA ARG C 126 7.52 26.01 -0.74
C ARG C 126 8.72 26.91 -0.84
N LYS C 127 9.01 27.61 0.25
CA LYS C 127 10.14 28.50 0.25
C LYS C 127 11.41 27.71 -0.03
N ASN C 128 11.48 26.52 0.52
CA ASN C 128 12.66 25.81 0.27
C ASN C 128 12.58 24.76 -0.79
N GLU C 129 11.86 25.04 -1.81
CA GLU C 129 11.71 24.12 -2.88
C GLU C 129 13.02 23.66 -3.44
N ASP C 130 14.06 24.36 -3.11
CA ASP C 130 15.31 23.91 -3.66
C ASP C 130 15.78 22.64 -2.97
N LYS C 131 15.72 22.60 -1.66
CA LYS C 131 16.16 21.38 -1.05
C LYS C 131 15.34 20.14 -1.33
N LEU C 132 14.26 20.24 -2.09
CA LEU C 132 13.48 19.05 -2.33
C LEU C 132 13.80 18.43 -3.65
N ASN C 133 13.63 17.13 -3.76
CA ASN C 133 13.87 16.51 -5.02
C ASN C 133 12.60 16.50 -5.85
N HIS C 134 12.78 15.93 -7.01
CA HIS C 134 11.72 15.84 -7.94
C HIS C 134 10.46 15.25 -7.45
N HIS C 135 10.52 14.07 -6.90
CA HIS C 135 9.32 13.44 -6.41
C HIS C 135 8.69 14.38 -5.38
N GLN C 136 9.46 14.74 -4.37
CA GLN C 136 8.95 15.60 -3.35
C GLN C 136 8.38 16.86 -3.88
N ARG C 137 8.87 17.23 -5.02
CA ARG C 137 8.34 18.45 -5.53
C ARG C 137 7.00 18.25 -6.03
N ILE C 138 6.89 17.16 -6.68
CA ILE C 138 5.64 16.88 -7.21
C ILE C 138 4.63 16.77 -6.12
N GLY C 139 5.05 16.01 -5.12
CA GLY C 139 4.25 15.74 -3.97
C GLY C 139 3.78 17.07 -3.42
N LEU C 140 4.70 17.99 -3.33
CA LEU C 140 4.34 19.27 -2.80
C LEU C 140 3.36 20.02 -3.66
N LYS C 141 3.55 19.95 -4.94
CA LYS C 141 2.72 20.63 -5.89
C LYS C 141 1.29 20.14 -5.80
N TYR C 142 1.14 18.85 -5.56
CA TYR C 142 -0.16 18.23 -5.47
C TYR C 142 -0.55 17.73 -4.13
N PHE C 143 -0.11 18.36 -3.07
CA PHE C 143 -0.41 17.90 -1.75
C PHE C 143 -1.84 17.65 -1.53
N GLY C 144 -2.56 18.67 -1.87
CA GLY C 144 -3.99 18.63 -1.75
C GLY C 144 -4.59 17.47 -2.52
N ASP C 145 -4.54 17.58 -3.86
CA ASP C 145 -5.06 16.54 -4.72
C ASP C 145 -4.60 15.17 -4.24
N PHE C 146 -3.36 15.11 -3.73
CA PHE C 146 -2.87 13.84 -3.29
C PHE C 146 -3.61 13.11 -2.26
N GLU C 147 -4.28 13.87 -1.43
CA GLU C 147 -5.04 13.35 -0.34
C GLU C 147 -6.50 13.07 -0.64
N LYS C 148 -6.99 13.59 -1.74
CA LYS C 148 -8.39 13.38 -2.10
C LYS C 148 -8.55 11.97 -2.57
N ARG C 149 -9.59 11.27 -2.12
CA ARG C 149 -9.76 9.89 -2.60
C ARG C 149 -10.31 9.93 -4.02
N ILE C 150 -10.30 8.79 -4.72
CA ILE C 150 -10.80 8.73 -6.11
C ILE C 150 -12.24 8.16 -6.20
N PRO C 151 -13.21 9.02 -6.50
CA PRO C 151 -14.58 8.58 -6.58
C PRO C 151 -14.72 7.58 -7.71
N ARG C 152 -15.27 6.38 -7.37
CA ARG C 152 -15.46 5.33 -8.37
C ARG C 152 -15.91 5.69 -9.75
N GLU C 153 -16.74 6.73 -9.81
CA GLU C 153 -17.26 7.22 -11.07
C GLU C 153 -16.19 7.83 -11.95
N GLU C 154 -15.05 8.22 -11.32
CA GLU C 154 -13.89 8.83 -12.02
C GLU C 154 -12.99 7.75 -12.60
N MET C 155 -12.78 6.77 -11.73
CA MET C 155 -12.00 5.62 -11.98
C MET C 155 -12.44 5.05 -13.34
N LEU C 156 -13.80 4.92 -13.50
CA LEU C 156 -14.39 4.39 -14.74
C LEU C 156 -13.93 5.18 -15.91
N GLN C 157 -13.89 6.54 -15.76
CA GLN C 157 -13.42 7.31 -16.92
C GLN C 157 -11.94 7.02 -17.16
N MET C 158 -11.17 7.06 -16.10
CA MET C 158 -9.74 6.77 -16.16
C MET C 158 -9.45 5.42 -16.81
N GLN C 159 -10.05 4.38 -16.22
CA GLN C 159 -9.90 3.04 -16.71
C GLN C 159 -10.31 3.01 -18.15
N ASP C 160 -11.33 3.79 -18.35
CA ASP C 160 -11.83 3.89 -19.67
C ASP C 160 -10.73 4.42 -20.54
N ILE C 161 -9.90 5.21 -19.97
CA ILE C 161 -8.90 5.73 -20.83
C ILE C 161 -7.72 4.87 -21.14
N VAL C 162 -7.06 4.48 -20.08
CA VAL C 162 -5.88 3.65 -20.18
C VAL C 162 -6.10 2.48 -21.11
N LEU C 163 -7.21 1.81 -20.88
CA LEU C 163 -7.66 0.66 -21.62
C LEU C 163 -7.83 0.90 -23.09
N ASN C 164 -8.11 2.11 -23.53
CA ASN C 164 -8.28 2.34 -24.97
C ASN C 164 -6.94 2.62 -25.64
N GLU C 165 -6.17 3.43 -24.99
CA GLU C 165 -4.91 3.70 -25.56
C GLU C 165 -4.02 2.47 -25.50
N VAL C 166 -4.11 1.69 -24.43
CA VAL C 166 -3.28 0.49 -24.32
C VAL C 166 -3.56 -0.37 -25.54
N LYS C 167 -4.86 -0.43 -25.87
CA LYS C 167 -5.36 -1.20 -27.00
C LYS C 167 -4.79 -0.70 -28.30
N LYS C 168 -4.94 0.59 -28.50
CA LYS C 168 -4.44 1.18 -29.72
C LYS C 168 -3.00 0.88 -30.00
N VAL C 169 -2.15 0.94 -28.97
CA VAL C 169 -0.73 0.66 -29.15
C VAL C 169 -0.46 -0.80 -29.47
N ASP C 170 -1.17 -1.68 -28.82
CA ASP C 170 -0.94 -3.05 -29.13
C ASP C 170 -2.21 -3.78 -28.84
N SER C 171 -2.58 -4.66 -29.75
CA SER C 171 -3.80 -5.40 -29.56
C SER C 171 -3.63 -6.49 -28.58
N GLU C 172 -2.36 -6.82 -28.43
CA GLU C 172 -1.98 -7.87 -27.51
C GLU C 172 -1.72 -7.42 -26.09
N TYR C 173 -1.88 -6.17 -25.79
CA TYR C 173 -1.65 -5.81 -24.45
C TYR C 173 -2.79 -6.33 -23.62
N ILE C 174 -2.56 -6.48 -22.33
CA ILE C 174 -3.59 -6.97 -21.41
C ILE C 174 -3.41 -6.19 -20.14
N ALA C 175 -4.36 -5.28 -19.97
CA ALA C 175 -4.33 -4.43 -18.84
C ALA C 175 -5.48 -4.74 -17.91
N THR C 176 -5.17 -4.55 -16.64
CA THR C 176 -6.13 -4.82 -15.65
C THR C 176 -6.01 -3.83 -14.52
N VAL C 177 -7.15 -3.26 -14.11
CA VAL C 177 -7.08 -2.31 -13.03
C VAL C 177 -7.40 -3.03 -11.76
N CYS C 178 -6.40 -3.29 -11.02
CA CYS C 178 -6.61 -4.01 -9.82
C CYS C 178 -7.01 -3.07 -8.76
N GLY C 179 -6.67 -3.38 -7.51
CA GLY C 179 -7.00 -2.54 -6.40
C GLY C 179 -8.48 -2.67 -6.01
N SER C 180 -8.89 -1.74 -5.12
CA SER C 180 -10.23 -1.63 -4.56
C SER C 180 -11.21 -1.25 -5.65
N PHE C 181 -10.67 -0.75 -6.75
CA PHE C 181 -11.53 -0.38 -7.83
C PHE C 181 -12.22 -1.57 -8.42
N ARG C 182 -11.35 -2.56 -8.50
CA ARG C 182 -11.49 -3.91 -8.96
C ARG C 182 -12.27 -4.68 -7.94
N ARG C 183 -12.23 -4.22 -6.69
CA ARG C 183 -12.95 -4.87 -5.58
C ARG C 183 -14.36 -4.40 -5.20
N GLY C 184 -14.92 -3.53 -6.02
CA GLY C 184 -16.18 -2.99 -5.78
C GLY C 184 -15.93 -1.55 -5.46
N ALA C 185 -15.37 -1.32 -4.25
CA ALA C 185 -15.01 0.00 -3.68
C ALA C 185 -15.58 1.25 -4.39
N GLU C 186 -16.24 2.10 -3.58
CA GLU C 186 -16.85 3.32 -4.09
C GLU C 186 -15.83 4.39 -4.43
N SER C 187 -14.70 4.30 -3.78
CA SER C 187 -13.67 5.29 -4.05
C SER C 187 -12.42 4.56 -3.78
N SER C 188 -11.33 4.99 -4.34
CA SER C 188 -10.08 4.33 -4.10
C SER C 188 -9.11 5.45 -3.94
N GLY C 189 -7.85 5.14 -3.62
CA GLY C 189 -6.87 6.23 -3.44
C GLY C 189 -5.82 6.45 -4.56
N ASP C 190 -5.51 5.39 -5.29
CA ASP C 190 -4.56 5.35 -6.38
C ASP C 190 -5.10 4.40 -7.46
N MET C 191 -4.62 4.52 -8.72
CA MET C 191 -5.03 3.64 -9.82
C MET C 191 -3.88 2.66 -10.11
N ASP C 192 -4.04 1.31 -9.97
CA ASP C 192 -2.90 0.45 -10.28
C ASP C 192 -3.18 -0.29 -11.49
N VAL C 193 -2.36 -0.16 -12.47
CA VAL C 193 -2.66 -0.96 -13.61
C VAL C 193 -1.72 -2.20 -13.76
N LEU C 194 -2.24 -3.38 -14.10
CA LEU C 194 -1.41 -4.56 -14.29
C LEU C 194 -1.12 -4.72 -15.76
N LEU C 195 0.12 -4.92 -16.12
CA LEU C 195 0.29 -5.04 -17.53
C LEU C 195 1.15 -6.18 -17.99
N THR C 196 0.70 -6.87 -19.04
CA THR C 196 1.47 -8.00 -19.57
C THR C 196 1.28 -7.97 -21.02
N HIS C 197 1.99 -8.84 -21.65
CA HIS C 197 1.96 -8.98 -23.06
C HIS C 197 2.51 -10.35 -23.28
N PRO C 198 1.92 -11.07 -24.23
CA PRO C 198 2.27 -12.47 -24.60
C PRO C 198 3.74 -12.65 -24.92
N SER C 199 4.27 -11.55 -25.28
CA SER C 199 5.60 -11.48 -25.65
C SER C 199 6.49 -11.00 -24.52
N PHE C 200 6.22 -11.42 -23.28
CA PHE C 200 7.01 -11.02 -22.11
C PHE C 200 6.81 -12.03 -20.98
N THR C 201 7.88 -12.74 -20.65
CA THR C 201 7.73 -13.75 -19.64
C THR C 201 8.99 -14.28 -18.96
N SER C 202 8.72 -14.96 -17.84
CA SER C 202 9.58 -15.62 -16.89
C SER C 202 11.01 -15.60 -17.31
N GLU C 203 11.19 -16.33 -18.45
CA GLU C 203 12.44 -16.55 -19.18
C GLU C 203 12.77 -15.43 -20.13
N SER C 204 11.93 -15.29 -21.22
CA SER C 204 12.05 -14.26 -22.30
C SER C 204 12.87 -13.11 -21.86
N THR C 205 13.87 -12.75 -22.60
CA THR C 205 14.60 -11.65 -22.04
C THR C 205 14.16 -10.25 -22.35
N LYS C 206 13.48 -9.70 -21.38
CA LYS C 206 13.01 -8.35 -21.45
C LYS C 206 12.47 -7.86 -22.76
N GLN C 207 11.99 -6.65 -22.57
CA GLN C 207 11.39 -5.78 -23.55
C GLN C 207 10.76 -4.65 -22.76
N PRO C 208 11.62 -3.71 -22.51
CA PRO C 208 11.30 -2.53 -21.76
C PRO C 208 10.35 -1.63 -22.52
N LYS C 209 10.49 -1.69 -23.85
CA LYS C 209 9.68 -0.91 -24.71
C LYS C 209 8.26 -1.15 -24.36
N LEU C 210 8.02 -2.46 -24.08
CA LEU C 210 6.73 -2.94 -23.68
C LEU C 210 6.19 -1.96 -22.66
N LEU C 211 6.89 -1.72 -21.58
CA LEU C 211 6.36 -0.74 -20.66
C LEU C 211 6.44 0.73 -21.17
N HIS C 212 7.57 1.12 -21.76
CA HIS C 212 7.72 2.47 -22.22
C HIS C 212 6.74 2.96 -23.24
N GLN C 213 6.50 2.21 -24.29
CA GLN C 213 5.57 2.67 -25.30
C GLN C 213 4.24 3.07 -24.80
N VAL C 214 3.69 2.35 -23.84
CA VAL C 214 2.37 2.75 -23.34
C VAL C 214 2.43 4.05 -22.56
N VAL C 215 3.44 4.13 -21.70
CA VAL C 215 3.63 5.31 -20.87
C VAL C 215 3.61 6.55 -21.71
N GLU C 216 4.26 6.42 -22.79
CA GLU C 216 4.36 7.47 -23.73
C GLU C 216 2.95 7.83 -24.26
N GLN C 217 2.24 6.80 -24.69
CA GLN C 217 0.94 6.99 -25.24
C GLN C 217 0.09 7.81 -24.31
N LEU C 218 0.12 7.37 -23.06
CA LEU C 218 -0.65 8.01 -22.05
C LEU C 218 -0.31 9.47 -21.93
N GLN C 219 0.94 9.79 -21.99
CA GLN C 219 1.26 11.21 -21.89
C GLN C 219 1.03 11.84 -23.25
N LYS C 220 0.93 10.95 -24.28
CA LYS C 220 0.70 11.51 -25.59
C LYS C 220 -0.60 12.19 -25.52
N VAL C 221 -1.60 11.47 -25.17
CA VAL C 221 -2.87 12.10 -25.10
C VAL C 221 -3.13 12.90 -23.86
N HIS C 222 -2.11 13.15 -23.07
CA HIS C 222 -2.22 13.95 -21.83
C HIS C 222 -2.91 13.39 -20.65
N PHE C 223 -2.82 12.13 -20.50
CA PHE C 223 -3.49 11.64 -19.36
C PHE C 223 -2.49 11.56 -18.22
N ILE C 224 -1.24 11.38 -18.59
CA ILE C 224 -0.23 11.32 -17.60
C ILE C 224 0.45 12.62 -17.63
N THR C 225 0.53 13.21 -16.47
CA THR C 225 1.14 14.50 -16.33
C THR C 225 2.54 14.62 -15.81
N ASP C 226 2.91 13.75 -14.89
CA ASP C 226 4.23 13.82 -14.36
C ASP C 226 4.75 12.43 -14.24
N THR C 227 6.02 12.27 -13.93
CA THR C 227 6.62 10.98 -13.77
C THR C 227 7.29 11.01 -12.41
N LEU C 228 6.89 10.11 -11.51
CA LEU C 228 7.46 10.06 -10.19
C LEU C 228 8.63 9.14 -10.36
N SER C 229 8.39 8.00 -10.95
CA SER C 229 9.51 7.12 -11.18
C SER C 229 9.22 6.23 -12.36
N LYS C 230 10.22 6.06 -13.23
CA LYS C 230 10.06 5.23 -14.40
C LYS C 230 11.17 4.22 -14.60
N GLY C 231 10.87 2.94 -14.39
CA GLY C 231 11.86 1.91 -14.57
C GLY C 231 11.52 1.02 -15.71
N GLU C 232 12.19 -0.12 -15.82
CA GLU C 232 11.82 -0.95 -16.94
C GLU C 232 10.60 -1.76 -16.72
N THR C 233 10.09 -1.69 -15.53
CA THR C 233 8.93 -2.48 -15.33
C THR C 233 7.95 -1.79 -14.50
N LYS C 234 8.42 -0.82 -13.74
CA LYS C 234 7.49 -0.14 -12.91
C LYS C 234 7.52 1.31 -13.13
N PHE C 235 6.35 1.85 -13.32
CA PHE C 235 6.24 3.26 -13.54
C PHE C 235 5.30 3.86 -12.51
N MET C 236 5.71 5.02 -11.95
CA MET C 236 4.96 5.76 -10.94
C MET C 236 4.71 7.15 -11.43
N GLY C 237 3.50 7.48 -11.77
CA GLY C 237 3.25 8.82 -12.26
C GLY C 237 2.08 9.57 -11.62
N VAL C 238 1.61 10.60 -12.35
CA VAL C 238 0.51 11.47 -11.99
C VAL C 238 -0.42 11.59 -13.21
N CYS C 239 -1.72 11.58 -13.00
CA CYS C 239 -2.52 11.68 -14.18
C CYS C 239 -3.71 12.48 -13.91
N GLN C 240 -4.38 12.82 -14.99
CA GLN C 240 -5.57 13.60 -14.89
C GLN C 240 -6.50 13.56 -16.04
N LEU C 241 -7.74 13.40 -15.66
CA LEU C 241 -8.82 13.34 -16.58
C LEU C 241 -9.10 14.76 -17.01
N PRO C 242 -8.98 14.88 -18.28
CA PRO C 242 -9.18 16.05 -19.07
C PRO C 242 -10.35 16.73 -18.53
N SER C 243 -10.12 17.97 -18.32
CA SER C 243 -11.14 18.81 -17.82
C SER C 243 -11.95 19.02 -19.04
N LYS C 244 -13.27 18.85 -18.83
CA LYS C 244 -14.37 18.95 -19.82
C LYS C 244 -14.46 20.29 -20.57
N ASN C 245 -15.45 21.08 -20.16
CA ASN C 245 -15.65 22.37 -20.73
C ASN C 245 -15.39 23.37 -19.59
N ASP C 246 -14.12 23.72 -19.48
CA ASP C 246 -13.58 24.63 -18.49
C ASP C 246 -14.46 25.34 -17.46
N GLU C 247 -14.39 24.81 -16.25
CA GLU C 247 -15.09 25.26 -15.06
C GLU C 247 -14.77 24.30 -13.94
N LYS C 248 -14.62 23.02 -14.29
CA LYS C 248 -14.29 22.01 -13.30
C LYS C 248 -13.25 20.93 -13.70
N GLU C 249 -11.96 21.33 -13.69
CA GLU C 249 -10.81 20.48 -14.01
C GLU C 249 -10.68 19.41 -12.91
N TYR C 250 -10.09 18.23 -13.17
CA TYR C 250 -10.02 17.29 -12.05
C TYR C 250 -8.73 17.33 -11.24
N PRO C 251 -8.80 16.77 -10.06
CA PRO C 251 -7.64 16.74 -9.23
C PRO C 251 -6.59 15.87 -9.92
N HIS C 252 -5.34 16.02 -9.50
CA HIS C 252 -4.25 15.23 -10.06
C HIS C 252 -4.23 13.89 -9.29
N ARG C 253 -4.15 12.77 -10.06
CA ARG C 253 -4.16 11.49 -9.40
C ARG C 253 -2.96 10.60 -9.58
N ARG C 254 -2.62 9.92 -8.50
CA ARG C 254 -1.50 9.00 -8.45
C ARG C 254 -1.77 7.79 -9.29
N ILE C 255 -0.78 7.31 -10.00
CA ILE C 255 -1.04 6.14 -10.80
C ILE C 255 0.20 5.35 -11.01
N ASP C 256 0.04 4.04 -10.92
CA ASP C 256 1.15 3.11 -11.08
C ASP C 256 0.82 2.15 -12.13
N ILE C 257 1.83 1.84 -12.87
CA ILE C 257 1.71 0.92 -13.98
C ILE C 257 2.82 -0.06 -13.93
N ARG C 258 2.46 -1.35 -13.96
CA ARG C 258 3.47 -2.41 -13.91
C ARG C 258 3.45 -3.50 -14.97
N LEU C 259 4.65 -3.73 -15.53
CA LEU C 259 4.82 -4.72 -16.54
C LEU C 259 5.04 -6.08 -15.92
N ILE C 260 4.30 -7.09 -16.34
CA ILE C 260 4.46 -8.43 -15.79
C ILE C 260 4.50 -9.45 -16.91
N PRO C 261 5.39 -10.45 -16.68
CA PRO C 261 5.57 -11.54 -17.58
C PRO C 261 4.22 -12.12 -17.77
N LYS C 262 3.87 -12.45 -18.97
CA LYS C 262 2.57 -13.00 -19.15
C LYS C 262 2.30 -14.26 -18.33
N ASP C 263 3.34 -14.99 -17.96
CA ASP C 263 3.24 -16.21 -17.18
C ASP C 263 2.96 -16.03 -15.69
N GLN C 264 2.73 -14.80 -15.29
CA GLN C 264 2.44 -14.63 -13.89
C GLN C 264 1.57 -13.47 -13.62
N TYR C 265 0.78 -13.16 -14.67
CA TYR C 265 -0.17 -12.11 -14.65
C TYR C 265 -1.17 -12.41 -13.56
N TYR C 266 -2.06 -13.39 -13.80
CA TYR C 266 -3.07 -13.70 -12.80
C TYR C 266 -2.67 -13.80 -11.37
N CYS C 267 -1.55 -14.42 -11.04
CA CYS C 267 -1.17 -14.47 -9.65
C CYS C 267 -1.03 -13.04 -9.21
N GLY C 268 -0.28 -12.30 -10.01
CA GLY C 268 -0.08 -10.92 -9.68
C GLY C 268 -1.42 -10.21 -9.67
N VAL C 269 -2.10 -10.37 -10.79
CA VAL C 269 -3.39 -9.77 -10.95
C VAL C 269 -4.30 -10.14 -9.83
N LEU C 270 -4.27 -11.39 -9.45
CA LEU C 270 -5.16 -11.75 -8.39
C LEU C 270 -4.71 -11.08 -7.12
N TYR C 271 -3.46 -11.24 -6.88
CA TYR C 271 -2.83 -10.71 -5.73
C TYR C 271 -2.99 -9.23 -5.46
N PHE C 272 -2.85 -8.38 -6.49
CA PHE C 272 -3.03 -6.94 -6.22
C PHE C 272 -4.46 -6.65 -5.88
N THR C 273 -5.37 -7.44 -6.50
CA THR C 273 -6.76 -7.26 -6.23
C THR C 273 -7.04 -7.35 -4.76
N GLY C 274 -6.14 -7.96 -3.95
CA GLY C 274 -6.31 -8.09 -2.51
C GLY C 274 -7.73 -8.59 -2.16
N SER C 275 -8.31 -8.25 -0.97
CA SER C 275 -7.71 -7.43 0.09
C SER C 275 -6.66 -8.29 0.76
N ASP C 276 -5.87 -7.71 1.67
CA ASP C 276 -4.84 -8.46 2.38
C ASP C 276 -5.46 -9.71 2.98
N ILE C 277 -6.64 -9.43 3.52
CA ILE C 277 -7.45 -10.43 4.16
C ILE C 277 -7.90 -11.49 3.14
N PHE C 278 -8.36 -11.05 1.98
CA PHE C 278 -8.78 -12.03 1.00
C PHE C 278 -7.61 -12.89 0.60
N ASN C 279 -6.45 -12.25 0.65
CA ASN C 279 -5.25 -12.92 0.27
C ASN C 279 -4.93 -14.11 1.10
N LYS C 280 -4.59 -13.78 2.31
CA LYS C 280 -4.23 -14.77 3.29
C LYS C 280 -5.08 -16.03 3.34
N ASN C 281 -6.38 -15.91 3.62
CA ASN C 281 -7.23 -17.11 3.67
C ASN C 281 -7.10 -17.93 2.39
N MET C 282 -6.86 -17.21 1.30
CA MET C 282 -6.67 -17.89 0.04
C MET C 282 -5.35 -18.60 0.15
N ARG C 283 -4.35 -17.88 0.63
CA ARG C 283 -3.05 -18.46 0.79
C ARG C 283 -3.12 -19.64 1.71
N ALA C 284 -3.72 -19.38 2.87
CA ALA C 284 -3.87 -20.39 3.87
C ALA C 284 -4.57 -21.64 3.28
N HIS C 285 -5.76 -21.46 2.65
CA HIS C 285 -6.48 -22.57 2.05
C HIS C 285 -5.68 -23.38 1.02
N ALA C 286 -4.90 -22.60 0.23
CA ALA C 286 -4.01 -23.05 -0.83
C ALA C 286 -3.02 -24.03 -0.27
N LEU C 287 -2.58 -23.69 0.98
CA LEU C 287 -1.64 -24.42 1.81
C LEU C 287 -2.25 -25.76 2.20
N GLU C 288 -3.55 -25.70 2.50
CA GLU C 288 -4.22 -26.91 2.85
C GLU C 288 -4.29 -27.77 1.62
N LYS C 289 -5.01 -27.26 0.61
CA LYS C 289 -5.20 -27.93 -0.66
C LYS C 289 -3.96 -28.50 -1.34
N GLY C 290 -2.80 -28.38 -0.63
CA GLY C 290 -1.44 -28.84 -0.99
C GLY C 290 -0.64 -27.84 -1.85
N PHE C 291 -0.66 -26.54 -1.46
CA PHE C 291 0.05 -25.51 -2.23
C PHE C 291 0.74 -24.38 -1.55
N THR C 292 1.15 -23.56 -2.50
CA THR C 292 1.86 -22.34 -2.26
C THR C 292 1.54 -21.14 -3.17
N ILE C 293 1.46 -20.00 -2.55
CA ILE C 293 1.11 -18.87 -3.38
C ILE C 293 1.77 -17.61 -2.89
N ASN C 294 2.15 -16.82 -3.89
CA ASN C 294 2.76 -15.54 -3.68
C ASN C 294 2.30 -14.55 -4.73
N GLU C 295 3.08 -13.51 -4.95
CA GLU C 295 2.75 -12.50 -5.91
C GLU C 295 2.62 -13.00 -7.41
N TYR C 296 3.60 -13.86 -7.86
CA TYR C 296 3.75 -14.47 -9.22
C TYR C 296 3.38 -15.89 -9.52
N THR C 297 3.30 -16.71 -8.52
CA THR C 297 3.01 -18.08 -8.88
C THR C 297 2.30 -18.86 -7.79
N ILE C 298 1.93 -20.09 -8.14
CA ILE C 298 1.28 -20.99 -7.22
C ILE C 298 2.08 -22.27 -7.27
N ARG C 299 2.33 -22.94 -6.14
CA ARG C 299 3.15 -24.15 -6.26
C ARG C 299 2.82 -25.38 -5.40
N PRO C 300 2.79 -26.52 -6.11
CA PRO C 300 2.51 -27.80 -5.52
C PRO C 300 3.55 -28.07 -4.45
N LEU C 301 3.09 -28.00 -3.20
CA LEU C 301 3.95 -28.23 -2.04
C LEU C 301 4.30 -29.72 -1.88
N GLY C 302 5.58 -30.01 -1.96
CA GLY C 302 6.02 -31.38 -1.81
C GLY C 302 5.85 -31.71 -0.35
N VAL C 303 6.19 -32.95 0.05
CA VAL C 303 6.07 -33.41 1.44
C VAL C 303 7.36 -33.39 2.30
N THR C 304 8.52 -33.51 1.64
CA THR C 304 9.87 -33.51 2.22
C THR C 304 10.14 -32.37 3.21
N GLY C 305 9.17 -31.49 3.20
CA GLY C 305 9.10 -30.30 3.99
C GLY C 305 8.34 -29.31 3.12
N VAL C 306 9.06 -28.81 2.13
CA VAL C 306 8.57 -27.86 1.17
C VAL C 306 8.91 -28.39 -0.18
N ALA C 307 8.74 -27.52 -1.19
CA ALA C 307 9.02 -27.77 -2.62
C ALA C 307 8.30 -26.85 -3.62
N GLY C 308 8.94 -26.61 -4.77
CA GLY C 308 8.42 -25.75 -5.83
C GLY C 308 7.81 -26.43 -7.08
N GLU C 309 7.78 -25.64 -8.18
CA GLU C 309 7.25 -25.97 -9.51
C GLU C 309 5.95 -25.23 -9.93
N PRO C 310 6.17 -24.06 -10.59
CA PRO C 310 5.19 -23.15 -11.09
C PRO C 310 3.99 -23.68 -11.84
N LEU C 311 2.93 -23.88 -11.08
CA LEU C 311 1.73 -24.36 -11.63
C LEU C 311 1.29 -23.37 -12.70
N PRO C 312 0.82 -23.94 -13.79
CA PRO C 312 0.36 -23.22 -14.97
C PRO C 312 -1.04 -22.68 -14.92
N VAL C 313 -1.13 -21.34 -14.81
CA VAL C 313 -2.35 -20.55 -14.73
C VAL C 313 -2.73 -19.71 -15.95
N ASP C 314 -3.97 -19.80 -16.43
CA ASP C 314 -4.44 -19.01 -17.58
C ASP C 314 -5.60 -18.09 -17.22
N SER C 315 -5.87 -18.02 -15.92
CA SER C 315 -6.90 -17.22 -15.31
C SER C 315 -6.87 -17.40 -13.82
N GLU C 316 -7.65 -16.51 -13.15
CA GLU C 316 -7.87 -16.41 -11.71
C GLU C 316 -8.62 -17.66 -11.29
N LYS C 317 -9.21 -18.21 -12.36
CA LYS C 317 -10.00 -19.41 -12.40
C LYS C 317 -9.09 -20.54 -12.05
N ASP C 318 -8.09 -20.78 -12.94
CA ASP C 318 -7.08 -21.82 -12.80
C ASP C 318 -6.52 -21.80 -11.38
N ILE C 319 -6.44 -20.62 -10.75
CA ILE C 319 -5.94 -20.53 -9.39
C ILE C 319 -6.80 -21.18 -8.33
N PHE C 320 -8.02 -20.62 -8.16
CA PHE C 320 -8.99 -21.10 -7.20
C PHE C 320 -9.07 -22.60 -7.32
N ASP C 321 -9.34 -23.02 -8.59
CA ASP C 321 -9.47 -24.42 -8.99
C ASP C 321 -8.42 -25.23 -8.28
N TYR C 322 -7.18 -24.76 -8.38
CA TYR C 322 -6.04 -25.40 -7.76
C TYR C 322 -6.31 -25.74 -6.34
N ILE C 323 -6.61 -24.69 -5.65
CA ILE C 323 -6.89 -24.83 -4.29
C ILE C 323 -8.27 -25.42 -4.06
N GLN C 324 -8.87 -25.79 -5.19
CA GLN C 324 -10.19 -26.40 -5.23
C GLN C 324 -11.24 -25.61 -4.49
N TRP C 325 -11.26 -24.30 -4.76
CA TRP C 325 -12.17 -23.32 -4.17
C TRP C 325 -13.24 -22.82 -5.10
N LYS C 326 -14.11 -21.97 -4.50
CA LYS C 326 -15.22 -21.34 -5.23
C LYS C 326 -14.67 -20.08 -5.90
N TYR C 327 -14.83 -19.96 -7.20
CA TYR C 327 -14.29 -18.75 -7.75
C TYR C 327 -15.05 -17.53 -7.27
N ARG C 328 -14.30 -16.69 -6.56
CA ARG C 328 -14.71 -15.45 -5.95
C ARG C 328 -14.87 -14.30 -6.88
N GLU C 329 -16.09 -13.73 -7.00
CA GLU C 329 -16.21 -12.59 -7.88
C GLU C 329 -15.32 -11.56 -7.20
N PRO C 330 -14.77 -10.59 -7.92
CA PRO C 330 -13.90 -9.68 -7.25
C PRO C 330 -14.47 -8.96 -6.01
N LYS C 331 -15.71 -8.51 -6.10
CA LYS C 331 -16.36 -7.85 -5.00
C LYS C 331 -16.27 -8.65 -3.71
N ASP C 332 -16.59 -9.95 -3.84
CA ASP C 332 -16.62 -10.96 -2.76
C ASP C 332 -15.28 -11.41 -2.25
N ARG C 333 -14.29 -10.64 -2.66
CA ARG C 333 -12.95 -10.92 -2.27
C ARG C 333 -12.65 -10.14 -1.06
N SER C 334 -13.67 -9.47 -0.56
CA SER C 334 -13.49 -8.64 0.62
C SER C 334 -12.61 -9.17 1.76
N GLU C 335 -12.92 -10.38 2.23
CA GLU C 335 -12.22 -11.08 3.29
C GLU C 335 -12.38 -12.56 3.00
MN MN D . -4.93 1.12 -4.32
MN MN E . -0.46 1.45 -5.75
NA NA F . 5.12 11.03 2.78
NA NA G . 24.48 -0.43 8.40
N1 DCT H . -0.86 -5.24 -0.67
C2 DCT H . 0.00 -6.20 -0.09
N3 DCT H . 1.04 -5.75 0.72
C4 DCT H . 1.21 -4.40 0.92
C5 DCT H . 0.31 -3.43 0.31
C6 DCT H . -0.68 -3.88 -0.48
O2 DCT H . -0.15 -7.39 -0.31
N4 DCT H . 2.22 -3.97 1.73
C1' DCT H . -2.01 -5.41 -1.73
C2' DCT H . -3.38 -4.90 -1.18
C3' DCT H . -4.10 -4.45 -2.48
C4' DCT H . -2.92 -4.23 -3.50
O4' DCT H . -1.73 -4.59 -2.85
C5' DCT H . -2.77 -2.80 -4.01
O5' DCT H . -3.54 -1.92 -3.29
PA DCT H . -3.27 -0.45 -2.67
O1A DCT H . -3.48 0.60 -3.63
O2A DCT H . -2.06 -0.46 -1.80
O3A DCT H . -4.53 -0.49 -1.78
PB DCT H . -6.05 -0.80 -2.16
O1B DCT H . -6.42 -2.08 -1.50
O2B DCT H . -6.20 -0.71 -3.63
O3B DCT H . -6.78 0.40 -1.44
PG DCT H . -7.03 1.91 -1.92
O1G DCT H . -6.54 2.12 -3.19
O2G DCT H . -8.47 2.25 -1.69
O3G DCT H . -6.08 2.66 -0.96
#